data_1BDB
#
_entry.id   1BDB
#
_cell.length_a   79.200
_cell.length_b   79.200
_cell.length_c   152.880
_cell.angle_alpha   90.00
_cell.angle_beta   90.00
_cell.angle_gamma   120.00
#
_symmetry.space_group_name_H-M   'P 64 2 2'
#
loop_
_entity.id
_entity.type
_entity.pdbx_description
1 polymer CIS-BIPHENYL-2,3-DIHYDRODIOL-2,3-DEHYDROGENASE
2 non-polymer NICOTINAMIDE-ADENINE-DINUCLEOTIDE
3 water water
#
_entity_poly.entity_id   1
_entity_poly.type   'polypeptide(L)'
_entity_poly.pdbx_seq_one_letter_code
;MKLKGEAVLITGGASGLGRALVDRFVAEGAKVAVLDKSAERLAELETDHGDNVLGIVGDVRSLEDQKQAASRCVARFGKI
DTLIPNAGIWDYSTALVDLPEESLDAAFDEVFHINVKGYIHAVKACLPALVASRGNVIFTISNAGFYPNGGGPLYTAAKH
AIVGLVRELAFELAPYVRVNGVGSGGINSDLRGPSSLGMGSKAISTVPLADMLKSVLPIGRMPEVEEYTGAYVFFATRGD
AAPATGALLNYDGGLGVRGFFSGAGGNDLLEQLNIHP
;
_entity_poly.pdbx_strand_id   A
#
# COMPACT_ATOMS: atom_id res chain seq x y z
N MET A 1 13.53 11.04 14.11
CA MET A 1 12.55 11.73 13.23
C MET A 1 13.23 11.91 11.88
N LYS A 2 13.06 10.90 11.02
CA LYS A 2 13.76 10.91 9.75
C LYS A 2 13.09 11.80 8.71
N LEU A 3 11.82 12.16 8.91
CA LEU A 3 11.11 12.88 7.86
C LEU A 3 10.57 14.21 8.34
N LYS A 4 11.30 14.86 9.25
CA LYS A 4 10.86 16.16 9.74
C LYS A 4 10.67 17.17 8.63
N GLY A 5 9.49 17.80 8.59
CA GLY A 5 9.17 18.83 7.63
C GLY A 5 8.68 18.24 6.29
N GLU A 6 8.63 16.92 6.15
CA GLU A 6 8.20 16.35 4.88
C GLU A 6 6.67 16.30 4.86
N ALA A 7 6.10 16.41 3.68
CA ALA A 7 4.66 16.29 3.55
C ALA A 7 4.35 15.04 2.70
N VAL A 8 3.41 14.27 3.23
CA VAL A 8 3.04 12.99 2.66
C VAL A 8 1.54 12.89 2.41
N LEU A 9 1.13 12.38 1.24
CA LEU A 9 -0.28 12.18 0.95
C LEU A 9 -0.54 10.68 0.83
N ILE A 10 -1.47 10.14 1.59
CA ILE A 10 -1.74 8.71 1.62
C ILE A 10 -3.19 8.45 1.20
N THR A 11 -3.43 7.58 0.19
CA THR A 11 -4.84 7.28 -0.11
C THR A 11 -5.22 6.04 0.70
N GLY A 12 -6.45 6.00 1.20
CA GLY A 12 -6.92 4.92 2.03
C GLY A 12 -6.20 4.92 3.38
N GLY A 13 -5.86 6.08 3.91
CA GLY A 13 -5.13 6.18 5.17
C GLY A 13 -5.98 6.15 6.42
N ALA A 14 -7.30 6.00 6.34
CA ALA A 14 -8.10 5.99 7.55
C ALA A 14 -8.18 4.64 8.24
N SER A 15 -7.70 3.55 7.64
CA SER A 15 -7.79 2.25 8.29
C SER A 15 -6.68 1.29 7.87
N GLY A 16 -6.49 0.24 8.65
CA GLY A 16 -5.60 -0.88 8.35
C GLY A 16 -4.16 -0.42 8.13
N LEU A 17 -3.52 -0.93 7.09
CA LEU A 17 -2.14 -0.52 6.82
C LEU A 17 -2.03 0.99 6.60
N GLY A 18 -2.97 1.61 5.87
CA GLY A 18 -2.92 3.05 5.64
C GLY A 18 -2.82 3.83 6.96
N ARG A 19 -3.63 3.44 7.95
CA ARG A 19 -3.66 4.12 9.24
C ARG A 19 -2.36 3.94 10.01
N ALA A 20 -1.79 2.73 9.94
CA ALA A 20 -0.48 2.49 10.56
C ALA A 20 0.56 3.38 9.90
N LEU A 21 0.48 3.57 8.58
CA LEU A 21 1.39 4.43 7.87
C LEU A 21 1.23 5.87 8.34
N VAL A 22 -0.01 6.38 8.43
CA VAL A 22 -0.20 7.73 8.96
C VAL A 22 0.48 7.85 10.33
N ASP A 23 0.23 6.92 11.26
CA ASP A 23 0.83 6.98 12.59
C ASP A 23 2.36 7.01 12.54
N ARG A 24 2.93 6.12 11.72
CA ARG A 24 4.39 6.06 11.60
C ARG A 24 4.96 7.32 10.99
N PHE A 25 4.40 7.84 9.90
CA PHE A 25 4.93 9.05 9.28
C PHE A 25 4.80 10.27 10.19
N VAL A 26 3.74 10.38 10.97
CA VAL A 26 3.63 11.50 11.94
C VAL A 26 4.71 11.37 13.00
N ALA A 27 4.97 10.15 13.47
CA ALA A 27 6.01 9.89 14.46
C ALA A 27 7.39 10.21 13.91
N GLU A 28 7.60 10.19 12.61
CA GLU A 28 8.84 10.50 11.96
C GLU A 28 8.94 11.99 11.65
N GLY A 29 7.90 12.75 12.01
CA GLY A 29 8.01 14.22 11.90
C GLY A 29 7.31 14.77 10.68
N ALA A 30 6.67 13.94 9.87
CA ALA A 30 6.03 14.40 8.65
C ALA A 30 4.65 14.99 8.94
N LYS A 31 4.11 15.76 8.02
CA LYS A 31 2.72 16.17 7.98
C LYS A 31 2.02 15.28 6.98
N VAL A 32 0.83 14.77 7.30
CA VAL A 32 0.19 13.79 6.41
C VAL A 32 -1.21 14.18 6.00
N ALA A 33 -1.41 14.22 4.67
CA ALA A 33 -2.75 14.44 4.14
C ALA A 33 -3.32 13.07 3.75
N VAL A 34 -4.58 12.81 4.07
CA VAL A 34 -5.20 11.51 3.81
C VAL A 34 -6.48 11.67 2.97
N LEU A 35 -6.58 10.86 1.91
CA LEU A 35 -7.79 10.82 1.10
C LEU A 35 -8.47 9.49 1.40
N ASP A 36 -9.69 9.56 1.93
CA ASP A 36 -10.39 8.31 2.27
C ASP A 36 -11.88 8.56 2.10
N LYS A 37 -12.65 7.50 1.81
CA LYS A 37 -14.08 7.72 1.65
C LYS A 37 -14.81 7.72 3.00
N SER A 38 -14.19 7.19 4.05
CA SER A 38 -14.90 7.11 5.33
C SER A 38 -14.76 8.40 6.11
N ALA A 39 -15.83 9.23 6.16
CA ALA A 39 -15.80 10.44 6.99
C ALA A 39 -15.54 10.13 8.46
N GLU A 40 -16.22 9.14 8.99
CA GLU A 40 -16.09 8.76 10.40
C GLU A 40 -14.67 8.36 10.79
N ARG A 41 -14.03 7.51 9.98
CA ARG A 41 -12.65 7.12 10.35
C ARG A 41 -11.70 8.28 10.20
N LEU A 42 -11.96 9.18 9.24
CA LEU A 42 -11.06 10.33 9.08
C LEU A 42 -11.17 11.25 10.31
N ALA A 43 -12.39 11.33 10.84
CA ALA A 43 -12.61 12.13 12.05
C ALA A 43 -11.78 11.60 13.20
N GLU A 44 -11.73 10.29 13.38
CA GLU A 44 -10.93 9.67 14.43
C GLU A 44 -9.45 10.04 14.27
N LEU A 45 -8.95 9.93 13.04
CA LEU A 45 -7.56 10.27 12.72
C LEU A 45 -7.27 11.72 13.13
N GLU A 46 -8.11 12.67 12.77
CA GLU A 46 -7.98 14.08 13.11
C GLU A 46 -8.02 14.30 14.63
N THR A 47 -8.81 13.49 15.33
CA THR A 47 -8.87 13.55 16.78
C THR A 47 -7.52 13.12 17.33
N ASP A 48 -6.97 12.02 16.84
CA ASP A 48 -5.70 11.54 17.37
C ASP A 48 -4.51 12.42 17.00
N HIS A 49 -4.39 12.94 15.80
CA HIS A 49 -3.21 13.69 15.42
C HIS A 49 -3.35 15.18 15.29
N GLY A 50 -4.56 15.70 15.39
CA GLY A 50 -4.71 17.17 15.31
C GLY A 50 -4.20 17.69 13.99
N ASP A 51 -3.49 18.83 14.05
CA ASP A 51 -3.06 19.44 12.81
C ASP A 51 -1.78 18.88 12.20
N ASN A 52 -1.26 17.75 12.61
CA ASN A 52 -0.27 16.95 11.91
C ASN A 52 -0.90 16.16 10.76
N VAL A 53 -2.23 16.11 10.70
CA VAL A 53 -2.88 15.38 9.62
C VAL A 53 -4.00 16.26 9.03
N LEU A 54 -4.33 15.94 7.77
CA LEU A 54 -5.40 16.64 7.07
C LEU A 54 -6.28 15.58 6.41
N GLY A 55 -7.58 15.59 6.69
CA GLY A 55 -8.46 14.57 6.14
C GLY A 55 -9.25 15.11 4.99
N ILE A 56 -9.25 14.42 3.86
CA ILE A 56 -10.04 14.82 2.70
C ILE A 56 -10.99 13.66 2.40
N VAL A 57 -12.29 13.87 2.53
CA VAL A 57 -13.25 12.80 2.25
C VAL A 57 -13.45 12.74 0.74
N GLY A 58 -13.15 11.61 0.08
CA GLY A 58 -13.34 11.57 -1.38
C GLY A 58 -13.10 10.14 -1.87
N ASP A 59 -13.40 9.86 -3.11
CA ASP A 59 -13.26 8.50 -3.66
C ASP A 59 -12.02 8.43 -4.51
N VAL A 60 -11.18 7.38 -4.40
CA VAL A 60 -9.96 7.35 -5.23
C VAL A 60 -10.28 7.19 -6.71
N ARG A 61 -11.49 6.67 -7.03
CA ARG A 61 -11.87 6.52 -8.42
C ARG A 61 -12.21 7.83 -9.09
N SER A 62 -12.37 8.89 -8.31
CA SER A 62 -12.65 10.23 -8.82
C SER A 62 -11.41 11.08 -8.99
N LEU A 63 -11.04 11.45 -10.22
CA LEU A 63 -9.88 12.28 -10.44
C LEU A 63 -10.12 13.63 -9.76
N GLU A 64 -11.37 14.11 -9.77
CA GLU A 64 -11.63 15.40 -9.08
C GLU A 64 -11.42 15.30 -7.57
N ASP A 65 -11.77 14.20 -6.91
CA ASP A 65 -11.52 14.11 -5.46
C ASP A 65 -10.01 14.08 -5.23
N GLN A 66 -9.30 13.33 -6.09
CA GLN A 66 -7.85 13.21 -6.00
C GLN A 66 -7.18 14.57 -6.16
N LYS A 67 -7.61 15.36 -7.12
CA LYS A 67 -7.04 16.69 -7.34
C LYS A 67 -7.37 17.63 -6.16
N GLN A 68 -8.51 17.42 -5.53
CA GLN A 68 -8.87 18.24 -4.35
C GLN A 68 -7.95 17.89 -3.19
N ALA A 69 -7.65 16.61 -2.98
CA ALA A 69 -6.71 16.16 -1.96
C ALA A 69 -5.31 16.75 -2.19
N ALA A 70 -4.80 16.69 -3.41
CA ALA A 70 -3.51 17.23 -3.75
C ALA A 70 -3.46 18.76 -3.53
N SER A 71 -4.46 19.48 -4.03
CA SER A 71 -4.41 20.93 -3.83
C SER A 71 -4.56 21.30 -2.37
N ARG A 72 -5.33 20.60 -1.57
CA ARG A 72 -5.48 20.91 -0.15
C ARG A 72 -4.20 20.59 0.60
N CYS A 73 -3.48 19.53 0.20
CA CYS A 73 -2.22 19.18 0.83
C CYS A 73 -1.19 20.26 0.55
N VAL A 74 -1.17 20.71 -0.72
CA VAL A 74 -0.21 21.76 -1.05
C VAL A 74 -0.54 23.06 -0.32
N ALA A 75 -1.84 23.36 -0.22
CA ALA A 75 -2.25 24.61 0.43
C ALA A 75 -1.85 24.58 1.90
N ARG A 76 -2.16 23.50 2.61
CA ARG A 76 -1.89 23.39 4.02
C ARG A 76 -0.43 23.18 4.38
N PHE A 77 0.25 22.27 3.71
CA PHE A 77 1.62 21.90 4.07
C PHE A 77 2.64 22.42 3.08
N GLY A 78 2.21 23.13 2.04
CA GLY A 78 3.16 23.80 1.15
C GLY A 78 3.75 22.98 0.02
N LYS A 79 3.57 21.65 0.05
CA LYS A 79 4.18 20.80 -0.97
C LYS A 79 3.62 19.39 -0.83
N ILE A 80 4.10 18.49 -1.68
CA ILE A 80 3.86 17.06 -1.52
C ILE A 80 5.22 16.36 -1.83
N ASP A 81 5.79 15.73 -0.85
CA ASP A 81 7.10 15.11 -1.00
C ASP A 81 6.94 13.62 -1.38
N THR A 82 6.07 12.95 -0.66
CA THR A 82 5.85 11.52 -0.87
C THR A 82 4.37 11.30 -1.11
N LEU A 83 4.10 10.46 -2.11
CA LEU A 83 2.70 10.08 -2.36
C LEU A 83 2.64 8.57 -2.19
N ILE A 84 1.66 8.13 -1.40
CA ILE A 84 1.48 6.70 -1.15
C ILE A 84 0.07 6.25 -1.53
N PRO A 85 -0.13 5.84 -2.77
CA PRO A 85 -1.43 5.29 -3.19
C PRO A 85 -1.57 3.94 -2.57
N ASN A 86 -2.59 3.75 -1.73
CA ASN A 86 -2.70 2.51 -0.96
C ASN A 86 -4.10 1.94 -0.86
N ALA A 87 -5.13 2.74 -1.10
CA ALA A 87 -6.50 2.24 -0.99
C ALA A 87 -6.75 1.04 -1.92
N GLY A 88 -7.50 0.06 -1.43
CA GLY A 88 -7.75 -1.12 -2.24
C GLY A 88 -8.88 -1.95 -1.65
N ILE A 89 -9.37 -2.89 -2.44
CA ILE A 89 -10.39 -3.83 -1.97
C ILE A 89 -9.97 -5.23 -2.47
N TRP A 90 -10.33 -6.26 -1.73
CA TRP A 90 -9.92 -7.62 -2.08
C TRP A 90 -11.03 -8.30 -2.88
N ASP A 91 -10.82 -9.52 -3.36
CA ASP A 91 -11.88 -10.18 -4.14
C ASP A 91 -12.27 -11.46 -3.42
N TYR A 92 -11.80 -11.56 -2.19
CA TYR A 92 -12.01 -12.67 -1.30
C TYR A 92 -11.60 -14.02 -1.86
N SER A 93 -10.56 -13.98 -2.68
CA SER A 93 -9.99 -15.13 -3.35
C SER A 93 -11.05 -15.93 -4.10
N THR A 94 -11.99 -15.25 -4.74
CA THR A 94 -13.02 -16.00 -5.48
C THR A 94 -12.34 -16.49 -6.76
N ALA A 95 -12.26 -17.80 -6.87
CA ALA A 95 -11.62 -18.40 -8.04
C ALA A 95 -12.43 -18.09 -9.29
N LEU A 96 -11.84 -18.23 -10.45
CA LEU A 96 -12.52 -18.04 -11.71
C LEU A 96 -13.81 -18.87 -11.85
N VAL A 97 -13.79 -20.12 -11.41
CA VAL A 97 -14.94 -21.00 -11.57
C VAL A 97 -16.11 -20.56 -10.68
N ASP A 98 -15.82 -19.86 -9.59
CA ASP A 98 -16.82 -19.40 -8.67
C ASP A 98 -17.30 -17.98 -8.94
N LEU A 99 -16.67 -17.26 -9.82
CA LEU A 99 -17.15 -15.94 -10.19
C LEU A 99 -18.42 -16.10 -11.02
N PRO A 100 -19.52 -15.55 -10.51
CA PRO A 100 -20.79 -15.63 -11.23
C PRO A 100 -20.76 -14.87 -12.54
N GLU A 101 -21.27 -15.43 -13.64
CA GLU A 101 -21.33 -14.78 -14.92
C GLU A 101 -22.09 -13.45 -14.89
N GLU A 102 -23.18 -13.38 -14.10
CA GLU A 102 -24.02 -12.19 -14.14
C GLU A 102 -23.38 -10.98 -13.47
N SER A 103 -22.36 -11.19 -12.64
CA SER A 103 -21.74 -9.99 -12.02
C SER A 103 -20.25 -9.85 -12.31
N LEU A 104 -19.75 -10.68 -13.23
CA LEU A 104 -18.32 -10.62 -13.57
C LEU A 104 -17.93 -9.28 -14.13
N ASP A 105 -18.72 -8.66 -15.00
CA ASP A 105 -18.41 -7.36 -15.55
C ASP A 105 -18.37 -6.30 -14.45
N ALA A 106 -19.39 -6.32 -13.60
CA ALA A 106 -19.43 -5.32 -12.52
C ALA A 106 -18.28 -5.52 -11.52
N ALA A 107 -17.95 -6.74 -11.13
CA ALA A 107 -16.87 -7.00 -10.20
C ALA A 107 -15.52 -6.60 -10.81
N PHE A 108 -15.32 -6.83 -12.10
CA PHE A 108 -14.10 -6.46 -12.80
C PHE A 108 -13.91 -4.94 -12.62
N ASP A 109 -14.94 -4.15 -12.97
CA ASP A 109 -14.79 -2.70 -12.79
C ASP A 109 -14.57 -2.29 -11.33
N GLU A 110 -15.29 -2.86 -10.38
CA GLU A 110 -15.10 -2.44 -8.99
C GLU A 110 -13.66 -2.65 -8.53
N VAL A 111 -13.18 -3.86 -8.76
CA VAL A 111 -11.79 -4.18 -8.39
C VAL A 111 -10.77 -3.35 -9.14
N PHE A 112 -10.88 -3.24 -10.46
CA PHE A 112 -9.88 -2.47 -11.22
C PHE A 112 -10.00 -0.97 -11.06
N HIS A 113 -11.21 -0.44 -10.93
CA HIS A 113 -11.36 1.00 -10.75
C HIS A 113 -10.71 1.43 -9.42
N ILE A 114 -10.97 0.68 -8.36
CA ILE A 114 -10.35 1.07 -7.09
C ILE A 114 -8.85 0.81 -7.07
N ASN A 115 -8.45 -0.43 -7.23
CA ASN A 115 -7.06 -0.84 -7.07
C ASN A 115 -6.09 -0.35 -8.13
N VAL A 116 -6.53 -0.12 -9.37
CA VAL A 116 -5.57 0.26 -10.41
C VAL A 116 -5.79 1.68 -10.88
N LYS A 117 -7.02 1.97 -11.33
CA LYS A 117 -7.31 3.36 -11.76
C LYS A 117 -7.12 4.32 -10.61
N GLY A 118 -7.46 3.94 -9.38
CA GLY A 118 -7.26 4.84 -8.24
C GLY A 118 -5.79 5.21 -8.03
N TYR A 119 -4.90 4.24 -8.35
CA TYR A 119 -3.46 4.49 -8.23
C TYR A 119 -3.02 5.43 -9.33
N ILE A 120 -3.54 5.25 -10.56
CA ILE A 120 -3.13 6.15 -11.65
C ILE A 120 -3.61 7.58 -11.37
N HIS A 121 -4.87 7.72 -10.91
CA HIS A 121 -5.40 9.05 -10.64
C HIS A 121 -4.62 9.79 -9.55
N ALA A 122 -4.13 9.06 -8.54
CA ALA A 122 -3.37 9.73 -7.46
C ALA A 122 -2.11 10.32 -8.07
N VAL A 123 -1.42 9.56 -8.91
CA VAL A 123 -0.17 10.08 -9.49
C VAL A 123 -0.47 11.22 -10.45
N LYS A 124 -1.51 11.10 -11.27
CA LYS A 124 -1.87 12.14 -12.21
C LYS A 124 -2.17 13.45 -11.46
N ALA A 125 -2.94 13.38 -10.40
CA ALA A 125 -3.31 14.55 -9.60
C ALA A 125 -2.14 15.19 -8.89
N CYS A 126 -1.21 14.36 -8.38
CA CYS A 126 -0.09 14.92 -7.62
C CYS A 126 1.15 15.16 -8.46
N LEU A 127 1.15 14.86 -9.74
CA LEU A 127 2.30 15.02 -10.60
C LEU A 127 3.03 16.35 -10.53
N PRO A 128 2.34 17.47 -10.74
CA PRO A 128 2.99 18.77 -10.71
C PRO A 128 3.70 19.01 -9.39
N ALA A 129 3.10 18.65 -8.28
CA ALA A 129 3.69 18.84 -6.97
C ALA A 129 4.89 17.92 -6.77
N LEU A 130 4.77 16.64 -7.16
CA LEU A 130 5.91 15.71 -7.02
C LEU A 130 7.09 16.16 -7.85
N VAL A 131 6.83 16.62 -9.08
CA VAL A 131 7.98 17.12 -9.90
C VAL A 131 8.62 18.33 -9.22
N ALA A 132 7.82 19.24 -8.65
CA ALA A 132 8.40 20.42 -7.99
C ALA A 132 9.25 20.06 -6.78
N SER A 133 8.85 19.06 -6.01
CA SER A 133 9.62 18.69 -4.82
C SER A 133 10.67 17.62 -5.09
N ARG A 134 10.78 17.09 -6.29
CA ARG A 134 11.65 15.95 -6.62
C ARG A 134 11.29 14.82 -5.65
N GLY A 135 10.00 14.52 -5.62
CA GLY A 135 9.48 13.63 -4.58
C GLY A 135 9.48 12.18 -5.04
N ASN A 136 8.63 11.38 -4.39
CA ASN A 136 8.60 9.97 -4.74
C ASN A 136 7.21 9.40 -4.50
N VAL A 137 6.98 8.29 -5.19
CA VAL A 137 5.73 7.56 -5.08
C VAL A 137 6.02 6.16 -4.56
N ILE A 138 5.26 5.71 -3.58
CA ILE A 138 5.42 4.36 -3.03
C ILE A 138 4.07 3.66 -3.16
N PHE A 139 3.97 2.68 -4.04
CA PHE A 139 2.70 1.99 -4.22
C PHE A 139 2.59 0.82 -3.24
N THR A 140 1.41 0.63 -2.64
CA THR A 140 1.19 -0.60 -1.86
C THR A 140 0.75 -1.69 -2.83
N ILE A 141 1.54 -2.74 -2.97
CA ILE A 141 1.22 -3.84 -3.89
C ILE A 141 0.67 -4.97 -3.04
N SER A 142 1.43 -5.92 -2.60
CA SER A 142 0.96 -7.09 -1.84
C SER A 142 1.66 -8.29 -2.46
N ASN A 143 1.59 -9.44 -1.78
CA ASN A 143 2.11 -10.68 -2.31
C ASN A 143 1.31 -11.12 -3.54
N ALA A 144 0.06 -10.62 -3.65
CA ALA A 144 -0.78 -10.89 -4.79
C ALA A 144 -0.23 -10.27 -6.09
N GLY A 145 0.71 -9.35 -6.04
CA GLY A 145 1.28 -8.77 -7.24
C GLY A 145 2.47 -9.61 -7.71
N PHE A 146 2.82 -10.71 -7.05
CA PHE A 146 3.99 -11.52 -7.36
C PHE A 146 3.72 -13.03 -7.49
N TYR A 147 2.85 -13.57 -6.63
CA TYR A 147 2.61 -15.00 -6.53
C TYR A 147 1.11 -15.25 -6.61
N PRO A 148 0.69 -16.46 -6.96
CA PRO A 148 -0.71 -16.84 -6.92
C PRO A 148 -1.19 -17.14 -5.51
N ASN A 149 -2.48 -17.40 -5.42
CA ASN A 149 -3.15 -17.79 -4.18
C ASN A 149 -3.20 -16.66 -3.15
N GLY A 150 -2.98 -15.42 -3.53
CA GLY A 150 -3.19 -14.29 -2.62
C GLY A 150 -4.56 -13.63 -2.88
N GLY A 151 -5.27 -14.11 -3.89
CA GLY A 151 -6.59 -13.60 -4.26
C GLY A 151 -7.01 -14.39 -5.53
N GLY A 152 -8.18 -14.11 -6.06
CA GLY A 152 -8.64 -14.80 -7.28
C GLY A 152 -7.98 -14.07 -8.45
N PRO A 153 -8.44 -14.37 -9.67
CA PRO A 153 -7.89 -13.78 -10.86
C PRO A 153 -8.02 -12.27 -10.82
N LEU A 154 -9.14 -11.72 -10.31
CA LEU A 154 -9.30 -10.27 -10.41
C LEU A 154 -8.26 -9.53 -9.57
N TYR A 155 -8.18 -9.90 -8.29
CA TYR A 155 -7.23 -9.22 -7.40
C TYR A 155 -5.79 -9.52 -7.79
N THR A 156 -5.50 -10.75 -8.21
CA THR A 156 -4.11 -11.08 -8.59
C THR A 156 -3.73 -10.30 -9.84
N ALA A 157 -4.62 -10.20 -10.84
CA ALA A 157 -4.29 -9.41 -12.03
C ALA A 157 -4.17 -7.93 -11.72
N ALA A 158 -5.06 -7.41 -10.85
CA ALA A 158 -4.97 -5.99 -10.50
C ALA A 158 -3.67 -5.65 -9.76
N LYS A 159 -3.23 -6.48 -8.83
CA LYS A 159 -1.97 -6.19 -8.10
C LYS A 159 -0.77 -6.38 -9.02
N HIS A 160 -0.81 -7.35 -9.96
CA HIS A 160 0.29 -7.48 -10.94
C HIS A 160 0.34 -6.27 -11.84
N ALA A 161 -0.83 -5.69 -12.18
CA ALA A 161 -0.89 -4.46 -12.94
C ALA A 161 -0.09 -3.33 -12.28
N ILE A 162 -0.09 -3.26 -10.95
CA ILE A 162 0.64 -2.20 -10.24
C ILE A 162 2.15 -2.37 -10.38
N VAL A 163 2.63 -3.61 -10.59
CA VAL A 163 4.05 -3.80 -10.90
C VAL A 163 4.35 -3.08 -12.21
N GLY A 164 3.45 -3.19 -13.19
CA GLY A 164 3.64 -2.46 -14.44
C GLY A 164 3.63 -0.95 -14.24
N LEU A 165 2.79 -0.46 -13.32
CA LEU A 165 2.84 0.97 -13.02
C LEU A 165 4.18 1.39 -12.43
N VAL A 166 4.72 0.56 -11.52
CA VAL A 166 6.04 0.88 -10.95
C VAL A 166 7.10 1.03 -12.03
N ARG A 167 7.16 0.06 -12.97
CA ARG A 167 8.24 0.13 -13.95
C ARG A 167 8.08 1.27 -14.94
N GLU A 168 6.87 1.39 -15.50
CA GLU A 168 6.61 2.42 -16.50
C GLU A 168 6.65 3.82 -15.90
N LEU A 169 6.14 3.99 -14.66
CA LEU A 169 6.21 5.37 -14.14
C LEU A 169 7.59 5.71 -13.61
N ALA A 170 8.34 4.68 -13.16
CA ALA A 170 9.74 4.97 -12.77
C ALA A 170 10.50 5.50 -13.98
N PHE A 171 10.30 4.92 -15.16
CA PHE A 171 10.92 5.42 -16.38
C PHE A 171 10.42 6.82 -16.72
N GLU A 172 9.08 6.94 -16.90
CA GLU A 172 8.51 8.20 -17.36
C GLU A 172 8.78 9.40 -16.43
N LEU A 173 8.78 9.19 -15.10
CA LEU A 173 8.93 10.37 -14.23
C LEU A 173 10.37 10.65 -13.86
N ALA A 174 11.30 9.76 -14.25
CA ALA A 174 12.72 10.05 -13.99
C ALA A 174 13.13 11.21 -14.90
N PRO A 175 14.08 12.03 -14.49
CA PRO A 175 14.83 11.91 -13.26
C PRO A 175 14.30 12.68 -12.06
N TYR A 176 13.08 13.18 -12.12
CA TYR A 176 12.50 14.00 -11.07
C TYR A 176 11.83 13.27 -9.93
N VAL A 177 11.10 12.21 -10.24
CA VAL A 177 10.32 11.50 -9.21
C VAL A 177 10.73 10.02 -9.21
N ARG A 178 11.00 9.52 -8.02
CA ARG A 178 11.32 8.10 -7.83
C ARG A 178 10.02 7.34 -7.63
N VAL A 179 9.91 6.13 -8.18
CA VAL A 179 8.65 5.35 -8.08
C VAL A 179 9.01 3.95 -7.62
N ASN A 180 8.50 3.46 -6.49
CA ASN A 180 8.88 2.15 -5.94
C ASN A 180 7.65 1.43 -5.43
N GLY A 181 7.72 0.10 -5.21
CA GLY A 181 6.50 -0.62 -4.84
C GLY A 181 6.84 -1.55 -3.66
N VAL A 182 5.92 -1.66 -2.71
CA VAL A 182 6.10 -2.51 -1.55
C VAL A 182 5.14 -3.70 -1.60
N GLY A 183 5.74 -4.90 -1.61
CA GLY A 183 4.95 -6.13 -1.71
C GLY A 183 4.59 -6.61 -0.30
N SER A 184 3.77 -5.86 0.42
CA SER A 184 3.43 -6.19 1.80
C SER A 184 2.57 -7.45 1.87
N GLY A 185 2.65 -8.15 2.98
CA GLY A 185 1.91 -9.38 3.19
C GLY A 185 0.59 -9.23 3.91
N GLY A 186 0.18 -10.30 4.59
CA GLY A 186 -1.10 -10.36 5.27
C GLY A 186 -1.10 -9.48 6.52
N ILE A 187 -2.21 -8.78 6.69
CA ILE A 187 -2.46 -7.91 7.83
C ILE A 187 -3.83 -8.20 8.43
N ASN A 188 -4.00 -7.91 9.71
CA ASN A 188 -5.30 -8.07 10.38
C ASN A 188 -6.02 -6.72 10.29
N SER A 189 -6.47 -6.36 9.10
CA SER A 189 -7.11 -5.08 8.85
C SER A 189 -8.62 -5.25 8.67
N ASP A 190 -9.25 -4.25 8.08
CA ASP A 190 -10.69 -4.33 7.81
C ASP A 190 -10.91 -4.36 6.30
N LEU A 191 -9.95 -4.98 5.59
CA LEU A 191 -10.03 -5.08 4.14
C LEU A 191 -11.32 -5.73 3.69
N ARG A 192 -12.09 -4.99 2.89
CA ARG A 192 -13.37 -5.44 2.38
C ARG A 192 -13.30 -5.99 0.97
N GLY A 193 -14.36 -6.74 0.63
CA GLY A 193 -14.49 -7.35 -0.70
C GLY A 193 -15.40 -6.47 -1.55
N PRO A 194 -15.59 -6.88 -2.80
CA PRO A 194 -16.41 -6.13 -3.73
C PRO A 194 -17.89 -6.20 -3.39
N SER A 195 -18.52 -5.03 -3.41
CA SER A 195 -19.96 -4.91 -3.26
C SER A 195 -20.69 -5.69 -4.35
N SER A 196 -20.16 -5.68 -5.56
CA SER A 196 -20.67 -6.41 -6.70
C SER A 196 -20.76 -7.92 -6.45
N LEU A 197 -19.89 -8.49 -5.64
CA LEU A 197 -19.89 -9.90 -5.32
C LEU A 197 -20.55 -10.13 -3.96
N GLY A 198 -21.25 -9.12 -3.44
CA GLY A 198 -21.87 -9.23 -2.12
C GLY A 198 -20.77 -9.24 -1.05
N PRO A 208 -6.92 -16.40 12.49
CA PRO A 208 -7.32 -17.16 11.27
C PRO A 208 -6.30 -16.98 10.17
N LEU A 209 -6.29 -15.78 9.58
CA LEU A 209 -5.24 -15.35 8.66
C LEU A 209 -3.89 -15.62 9.33
N ALA A 210 -3.76 -15.21 10.58
CA ALA A 210 -2.56 -15.44 11.37
C ALA A 210 -2.28 -16.93 11.57
N ASP A 211 -3.28 -17.71 11.98
CA ASP A 211 -3.09 -19.12 12.25
C ASP A 211 -2.96 -19.99 11.01
N MET A 212 -3.60 -19.59 9.92
CA MET A 212 -3.55 -20.36 8.68
C MET A 212 -2.16 -20.25 8.07
N LEU A 213 -1.68 -19.02 7.99
CA LEU A 213 -0.45 -18.67 7.35
C LEU A 213 0.83 -18.93 8.13
N LYS A 214 0.77 -19.11 9.44
CA LYS A 214 2.05 -19.26 10.16
C LYS A 214 2.79 -20.51 9.74
N SER A 215 2.15 -21.55 9.21
CA SER A 215 2.84 -22.74 8.76
C SER A 215 3.48 -22.56 7.38
N VAL A 216 3.08 -21.56 6.60
CA VAL A 216 3.67 -21.35 5.31
C VAL A 216 4.65 -20.18 5.25
N LEU A 217 4.64 -19.32 6.25
CA LEU A 217 5.62 -18.21 6.23
C LEU A 217 6.93 -18.64 6.85
N PRO A 218 8.04 -18.42 6.16
CA PRO A 218 9.37 -18.70 6.66
C PRO A 218 9.59 -18.01 8.01
N ILE A 219 9.13 -16.77 8.21
CA ILE A 219 9.34 -16.14 9.52
C ILE A 219 8.52 -16.79 10.61
N GLY A 220 7.54 -17.65 10.34
CA GLY A 220 6.79 -18.36 11.33
C GLY A 220 5.75 -17.59 12.13
N ARG A 221 5.38 -16.40 11.68
CA ARG A 221 4.32 -15.64 12.34
C ARG A 221 3.85 -14.56 11.36
N MET A 222 2.59 -14.17 11.43
CA MET A 222 2.10 -13.06 10.62
C MET A 222 2.45 -11.76 11.32
N PRO A 223 3.17 -10.88 10.66
CA PRO A 223 3.58 -9.62 11.28
C PRO A 223 2.44 -8.70 11.71
N GLU A 224 2.65 -7.89 12.75
CA GLU A 224 1.63 -6.91 13.16
C GLU A 224 1.59 -5.81 12.11
N VAL A 225 0.51 -5.05 12.04
CA VAL A 225 0.39 -4.04 10.99
C VAL A 225 1.51 -3.01 11.08
N GLU A 226 1.99 -2.61 12.26
CA GLU A 226 3.06 -1.63 12.40
C GLU A 226 4.42 -2.07 11.88
N GLU A 227 4.66 -3.37 11.83
CA GLU A 227 5.93 -3.91 11.30
C GLU A 227 6.04 -3.76 9.79
N TYR A 228 5.00 -3.34 9.09
CA TYR A 228 5.10 -3.12 7.65
C TYR A 228 5.36 -1.65 7.28
N THR A 229 5.47 -0.76 8.29
CA THR A 229 5.64 0.64 7.94
C THR A 229 7.08 1.01 7.65
N GLY A 230 8.08 0.26 8.13
CA GLY A 230 9.46 0.67 7.91
C GLY A 230 9.92 0.80 6.47
N ALA A 231 9.44 -0.08 5.56
CA ALA A 231 9.84 0.00 4.16
C ALA A 231 9.36 1.28 3.51
N TYR A 232 8.17 1.79 3.89
CA TYR A 232 7.71 3.04 3.28
C TYR A 232 8.58 4.20 3.75
N VAL A 233 8.88 4.22 5.06
CA VAL A 233 9.75 5.32 5.55
C VAL A 233 11.07 5.27 4.79
N PHE A 234 11.68 4.08 4.66
CA PHE A 234 12.91 3.96 3.88
C PHE A 234 12.80 4.59 2.50
N PHE A 235 11.83 4.17 1.66
CA PHE A 235 11.72 4.72 0.32
C PHE A 235 11.42 6.22 0.26
N ALA A 236 10.74 6.74 1.29
CA ALA A 236 10.45 8.16 1.36
C ALA A 236 11.63 9.00 1.84
N THR A 237 12.70 8.37 2.32
CA THR A 237 13.85 9.10 2.83
C THR A 237 14.83 9.36 1.69
N ARG A 238 14.97 10.62 1.30
CA ARG A 238 15.81 10.95 0.15
C ARG A 238 17.27 10.59 0.41
N GLY A 239 17.73 10.72 1.66
CA GLY A 239 19.11 10.47 2.02
C GLY A 239 19.46 8.99 2.02
N ASP A 240 18.48 8.08 2.10
CA ASP A 240 18.73 6.66 2.11
C ASP A 240 18.28 5.93 0.84
N ALA A 241 17.34 6.53 0.10
CA ALA A 241 16.79 5.78 -1.05
C ALA A 241 16.95 6.45 -2.40
N ALA A 242 17.93 7.32 -2.53
CA ALA A 242 18.19 8.03 -3.78
C ALA A 242 18.46 7.12 -4.96
N PRO A 243 19.16 6.01 -4.82
CA PRO A 243 19.39 5.09 -5.93
C PRO A 243 18.23 4.15 -6.21
N ALA A 244 17.19 4.15 -5.37
CA ALA A 244 16.06 3.28 -5.55
C ALA A 244 14.96 3.95 -6.39
N THR A 245 14.84 3.46 -7.63
CA THR A 245 13.69 3.81 -8.46
C THR A 245 13.38 2.58 -9.33
N GLY A 246 12.10 2.27 -9.38
CA GLY A 246 11.63 1.07 -10.10
C GLY A 246 11.83 -0.17 -9.23
N ALA A 247 12.11 -0.02 -7.94
CA ALA A 247 12.36 -1.16 -7.09
C ALA A 247 11.05 -1.79 -6.61
N LEU A 248 11.13 -3.10 -6.41
CA LEU A 248 9.99 -3.88 -5.92
C LEU A 248 10.50 -4.66 -4.72
N LEU A 249 10.03 -4.29 -3.54
CA LEU A 249 10.52 -5.00 -2.35
C LEU A 249 9.52 -6.04 -1.84
N ASN A 250 9.85 -7.32 -1.97
CA ASN A 250 8.99 -8.35 -1.37
C ASN A 250 9.12 -8.24 0.16
N TYR A 251 7.96 -8.12 0.80
CA TYR A 251 7.93 -7.79 2.23
C TYR A 251 6.77 -8.46 2.92
N ASP A 252 6.70 -9.80 2.84
CA ASP A 252 5.47 -10.49 3.21
C ASP A 252 5.76 -11.64 4.14
N GLY A 253 6.99 -11.71 4.70
CA GLY A 253 7.32 -12.83 5.59
C GLY A 253 8.03 -13.96 4.84
N GLY A 254 8.39 -13.73 3.58
CA GLY A 254 9.15 -14.76 2.86
C GLY A 254 8.34 -15.74 2.07
N LEU A 255 7.09 -15.39 1.72
CA LEU A 255 6.30 -16.35 0.92
C LEU A 255 7.02 -16.85 -0.32
N GLY A 256 7.74 -15.97 -1.02
CA GLY A 256 8.44 -16.34 -2.24
C GLY A 256 9.64 -17.26 -2.03
N VAL A 257 10.14 -17.42 -0.79
CA VAL A 257 11.24 -18.34 -0.57
C VAL A 257 10.83 -19.49 0.34
N ARG A 258 9.52 -19.76 0.49
CA ARG A 258 9.08 -20.83 1.39
C ARG A 258 9.45 -22.19 0.76
N GLY A 259 9.49 -23.25 1.59
CA GLY A 259 9.94 -24.52 0.99
C GLY A 259 8.79 -25.30 0.35
N PHE A 260 9.13 -26.48 -0.15
CA PHE A 260 8.08 -27.31 -0.77
C PHE A 260 7.16 -27.94 0.26
N PHE A 261 7.75 -28.45 1.34
CA PHE A 261 7.00 -29.18 2.35
C PHE A 261 6.86 -28.44 3.66
N SER A 262 7.61 -27.36 3.85
CA SER A 262 7.56 -26.61 5.10
C SER A 262 7.77 -25.15 4.75
N GLY A 263 7.21 -24.20 5.47
CA GLY A 263 7.49 -22.81 5.22
C GLY A 263 8.97 -22.49 5.43
N ALA A 264 9.48 -22.86 6.60
CA ALA A 264 10.86 -22.59 7.00
C ALA A 264 11.68 -23.87 6.93
N GLY A 265 12.98 -23.76 6.60
CA GLY A 265 13.75 -25.00 6.51
C GLY A 265 14.63 -25.16 7.75
N GLY A 266 14.57 -24.21 8.69
CA GLY A 266 15.53 -24.29 9.82
C GLY A 266 14.85 -24.27 11.16
N ASN A 267 13.63 -24.87 11.25
CA ASN A 267 12.94 -24.89 12.54
C ASN A 267 13.79 -25.61 13.58
N ASP A 268 14.61 -26.57 13.20
CA ASP A 268 15.44 -27.31 14.15
C ASP A 268 16.84 -26.74 14.35
N LEU A 269 17.15 -25.51 13.92
CA LEU A 269 18.49 -24.98 14.05
C LEU A 269 19.03 -24.87 15.47
N LEU A 270 18.21 -24.50 16.45
CA LEU A 270 18.70 -24.42 17.82
C LEU A 270 19.22 -25.77 18.31
N GLU A 271 18.44 -26.81 18.11
CA GLU A 271 18.80 -28.17 18.47
C GLU A 271 20.00 -28.66 17.68
N GLN A 272 20.04 -28.39 16.37
CA GLN A 272 21.15 -28.78 15.53
C GLN A 272 22.44 -28.07 15.92
N LEU A 273 22.38 -26.86 16.44
CA LEU A 273 23.61 -26.14 16.78
C LEU A 273 23.85 -26.16 18.28
N ASN A 274 22.98 -26.79 19.05
CA ASN A 274 23.09 -26.86 20.50
C ASN A 274 22.95 -25.51 21.20
N ILE A 275 22.06 -24.66 20.72
CA ILE A 275 21.83 -23.37 21.37
C ILE A 275 20.69 -23.54 22.38
N HIS A 276 20.73 -22.76 23.46
CA HIS A 276 19.72 -22.86 24.51
C HIS A 276 19.34 -21.49 25.01
#